data_7W8V
#
_entry.id   7W8V
#
_cell.length_a   49.686
_cell.length_b   45.090
_cell.length_c   78.407
_cell.angle_alpha   90.000
_cell.angle_beta   97.189
_cell.angle_gamma   90.000
#
_symmetry.space_group_name_H-M   'P 1 21 1'
#
loop_
_entity.id
_entity.type
_entity.pdbx_description
1 polymer '6-dimethylallyltryptophan synthase'
2 non-polymer 'DIMETHYLALLYL S-THIOLODIPHOSPHATE'
3 non-polymer 'SULFATE ION'
4 non-polymer TRYPTOPHAN
5 water water
#
_entity_poly.entity_id   1
_entity_poly.type   'polypeptide(L)'
_entity_poly.pdbx_seq_one_letter_code
;GSHLEPTQLGGLVTDQLARLCDVARLDRTDTETYVQTLATSLGTAAERSLALPPTTATLLSDDHTPVEYSLAFLPGATPA
LRVLVEPGWDSGDLAENGRAGLRAIRAMADRWNFSTDQLDLLEDLFFPVAPAGPFALWCALELRPGGVPGVKVYLNPAAR
GRDRRAETLREALDRLGHRQAFAALPPADDYPFLALDLGEWAAPRVKVYCTHESLSAQEAGEYSRLAAADGRDQTTDFFH
AVAGTDAGGTGQPSTRRALTCHSFTDTVTGRPSGFTLHMPVRSYVEHDGRARDRAADVLRRYGMDNDALDRALAAVTPRP
LDDGVGLVAYVALVHQLGRDPRVTVYVSSEAYAVQPPRTALATGPGIGR
;
_entity_poly.pdbx_strand_id   A
#
# COMPACT_ATOMS: atom_id res chain seq x y z
N GLY A 1 -27.61 4.28 6.62
CA GLY A 1 -27.53 2.84 6.56
C GLY A 1 -26.68 2.41 5.38
N SER A 2 -26.41 1.11 5.28
CA SER A 2 -25.63 0.55 4.18
C SER A 2 -26.51 -0.38 3.36
N HIS A 3 -26.38 -0.28 2.03
CA HIS A 3 -27.04 -1.23 1.13
C HIS A 3 -26.35 -2.58 1.10
N LEU A 4 -25.28 -2.75 1.86
CA LEU A 4 -24.44 -3.94 1.75
C LEU A 4 -24.70 -4.86 2.93
N GLU A 5 -24.61 -6.16 2.67
CA GLU A 5 -24.83 -7.20 3.67
C GLU A 5 -23.54 -7.97 3.91
N PRO A 6 -23.42 -8.66 5.04
CA PRO A 6 -22.15 -9.34 5.36
C PRO A 6 -21.80 -10.50 4.44
N THR A 7 -22.74 -10.97 3.60
CA THR A 7 -22.42 -12.00 2.62
C THR A 7 -21.81 -11.42 1.35
N GLN A 8 -21.73 -10.10 1.24
CA GLN A 8 -21.13 -9.44 0.09
C GLN A 8 -19.75 -8.93 0.44
N LEU A 9 -18.89 -8.86 -0.58
CA LEU A 9 -17.52 -8.41 -0.35
C LEU A 9 -17.50 -7.03 0.31
N GLY A 10 -18.31 -6.10 -0.21
CA GLY A 10 -18.35 -4.77 0.35
C GLY A 10 -18.84 -4.73 1.77
N GLY A 11 -19.70 -5.67 2.14
CA GLY A 11 -20.17 -5.69 3.51
C GLY A 11 -19.06 -6.08 4.47
N LEU A 12 -18.29 -7.12 4.12
CA LEU A 12 -17.19 -7.53 4.97
C LEU A 12 -16.14 -6.43 5.08
N VAL A 13 -15.77 -5.79 3.96
CA VAL A 13 -14.64 -4.86 4.08
C VAL A 13 -15.07 -3.54 4.73
N THR A 14 -16.33 -3.09 4.54
CA THR A 14 -16.77 -1.87 5.23
C THR A 14 -16.89 -2.12 6.74
N ASP A 15 -17.30 -3.33 7.15
CA ASP A 15 -17.32 -3.69 8.56
C ASP A 15 -15.92 -3.67 9.14
N GLN A 16 -14.95 -4.25 8.43
CA GLN A 16 -13.56 -4.21 8.88
C GLN A 16 -13.07 -2.77 8.99
N LEU A 17 -13.36 -1.95 7.96
CA LEU A 17 -12.85 -0.61 7.95
C LEU A 17 -13.45 0.20 9.09
N ALA A 18 -14.74 0.01 9.36
CA ALA A 18 -15.39 0.75 10.43
C ALA A 18 -14.72 0.45 11.78
N ARG A 19 -14.48 -0.84 12.05
CA ARG A 19 -13.80 -1.21 13.27
C ARG A 19 -12.40 -0.61 13.33
N LEU A 20 -11.68 -0.59 12.19
CA LEU A 20 -10.36 0.04 12.18
C LEU A 20 -10.44 1.54 12.40
N CYS A 21 -11.51 2.20 11.93
CA CYS A 21 -11.62 3.63 12.15
C CYS A 21 -11.68 3.95 13.64
N ASP A 22 -12.22 3.02 14.43
CA ASP A 22 -12.27 3.25 15.87
C ASP A 22 -10.89 3.09 16.50
N VAL A 23 -10.11 2.10 16.05
CA VAL A 23 -8.73 2.01 16.52
C VAL A 23 -7.99 3.31 16.22
N ALA A 24 -8.23 3.91 15.05
CA ALA A 24 -7.58 5.13 14.62
C ALA A 24 -8.20 6.39 15.23
N ARG A 25 -9.22 6.22 16.08
CA ARG A 25 -9.86 7.32 16.83
C ARG A 25 -10.52 8.32 15.90
N LEU A 26 -11.09 7.83 14.81
CA LEU A 26 -11.91 8.69 13.97
C LEU A 26 -13.34 8.71 14.52
N ASP A 27 -13.98 9.88 14.39
CA ASP A 27 -15.29 10.06 14.98
C ASP A 27 -16.36 9.38 14.13
N ARG A 28 -17.61 9.49 14.57
CA ARG A 28 -18.71 8.80 13.91
C ARG A 28 -18.88 9.27 12.47
N THR A 29 -18.80 10.57 12.24
CA THR A 29 -19.10 11.10 10.92
C THR A 29 -17.98 10.80 9.93
N ASP A 30 -16.71 10.97 10.35
CA ASP A 30 -15.60 10.61 9.46
C ASP A 30 -15.61 9.13 9.14
N THR A 31 -15.95 8.30 10.14
CA THR A 31 -16.07 6.86 9.92
C THR A 31 -17.12 6.55 8.86
N GLU A 32 -18.30 7.17 9.00
CA GLU A 32 -19.36 6.95 8.02
C GLU A 32 -18.94 7.42 6.64
N THR A 33 -18.27 8.57 6.58
CA THR A 33 -17.77 9.08 5.30
C THR A 33 -16.85 8.07 4.66
N TYR A 34 -15.89 7.55 5.41
CA TYR A 34 -14.87 6.72 4.78
C TYR A 34 -15.37 5.32 4.48
N VAL A 35 -16.26 4.80 5.31
CA VAL A 35 -16.94 3.54 5.01
C VAL A 35 -17.69 3.64 3.68
N GLN A 36 -18.46 4.71 3.49
CA GLN A 36 -19.15 4.89 2.22
C GLN A 36 -18.16 5.10 1.08
N THR A 37 -17.06 5.82 1.34
CA THR A 37 -16.07 6.04 0.30
C THR A 37 -15.45 4.72 -0.17
N LEU A 38 -15.15 3.82 0.76
CA LEU A 38 -14.63 2.51 0.38
C LEU A 38 -15.63 1.77 -0.51
N ALA A 39 -16.90 1.71 -0.10
CA ALA A 39 -17.88 1.01 -0.92
C ALA A 39 -17.99 1.62 -2.31
N THR A 40 -18.00 2.96 -2.40
CA THR A 40 -18.11 3.63 -3.70
C THR A 40 -16.92 3.30 -4.58
N SER A 41 -15.72 3.29 -3.99
CA SER A 41 -14.52 3.10 -4.78
C SER A 41 -14.46 1.68 -5.35
N LEU A 42 -15.09 0.72 -4.69
CA LEU A 42 -15.12 -0.64 -5.23
C LEU A 42 -16.10 -0.83 -6.38
N GLY A 43 -17.01 0.11 -6.62
CA GLY A 43 -17.91 -0.07 -7.74
C GLY A 43 -18.78 -1.29 -7.52
N THR A 44 -19.03 -2.04 -8.60
CA THR A 44 -19.90 -3.21 -8.50
C THR A 44 -19.28 -4.32 -7.67
N ALA A 45 -17.98 -4.27 -7.38
CA ALA A 45 -17.39 -5.27 -6.51
C ALA A 45 -18.02 -5.24 -5.12
N ALA A 46 -18.45 -4.07 -4.66
CA ALA A 46 -18.97 -3.99 -3.30
C ALA A 46 -20.15 -4.93 -3.11
N GLU A 47 -20.97 -5.07 -4.14
CA GLU A 47 -22.20 -5.86 -4.07
C GLU A 47 -21.98 -7.34 -4.42
N ARG A 48 -20.75 -7.74 -4.73
CA ARG A 48 -20.51 -9.11 -5.16
C ARG A 48 -20.56 -10.09 -3.99
N SER A 49 -21.29 -11.19 -4.18
CA SER A 49 -21.32 -12.25 -3.19
C SER A 49 -19.94 -12.80 -2.92
N LEU A 50 -19.60 -12.99 -1.64
CA LEU A 50 -18.37 -13.65 -1.26
C LEU A 50 -18.33 -15.12 -1.67
N ALA A 51 -19.48 -15.72 -2.01
CA ALA A 51 -19.50 -17.11 -2.46
C ALA A 51 -18.91 -17.28 -3.85
N LEU A 52 -18.86 -16.23 -4.66
CA LEU A 52 -18.28 -16.27 -6.00
C LEU A 52 -16.76 -16.14 -5.92
N PRO A 53 -16.04 -16.59 -6.94
CA PRO A 53 -14.57 -16.41 -6.95
C PRO A 53 -14.23 -14.93 -7.02
N PRO A 54 -13.03 -14.54 -6.56
CA PRO A 54 -12.56 -13.19 -6.86
C PRO A 54 -12.66 -12.93 -8.36
N THR A 55 -13.17 -11.75 -8.74
CA THR A 55 -13.31 -11.46 -10.16
C THR A 55 -11.96 -11.43 -10.85
N THR A 56 -10.95 -10.93 -10.14
CA THR A 56 -9.60 -10.76 -10.68
C THR A 56 -8.64 -11.37 -9.68
N ALA A 57 -7.73 -12.21 -10.17
CA ALA A 57 -6.69 -12.83 -9.35
C ALA A 57 -5.57 -11.81 -9.08
N THR A 58 -5.94 -10.76 -8.37
CA THR A 58 -5.09 -9.58 -8.26
C THR A 58 -3.86 -9.80 -7.39
N LEU A 59 -2.78 -9.10 -7.76
CA LEU A 59 -1.59 -9.02 -6.92
C LEU A 59 -1.81 -8.23 -5.64
N LEU A 60 -2.91 -7.47 -5.53
CA LEU A 60 -3.00 -6.54 -4.41
C LEU A 60 -2.87 -7.27 -3.08
N SER A 61 -3.47 -8.47 -2.97
CA SER A 61 -3.36 -9.31 -1.78
C SER A 61 -3.25 -10.78 -2.22
N ASP A 62 -2.74 -11.63 -1.32
CA ASP A 62 -2.46 -13.00 -1.69
C ASP A 62 -3.73 -13.79 -1.97
N ASP A 63 -4.84 -13.44 -1.32
CA ASP A 63 -6.07 -14.15 -1.57
C ASP A 63 -6.95 -13.41 -2.55
N HIS A 64 -6.45 -12.31 -3.11
CA HIS A 64 -7.08 -11.60 -4.24
C HIS A 64 -8.25 -10.73 -3.81
N THR A 65 -8.34 -10.42 -2.52
CA THR A 65 -9.22 -9.36 -2.06
C THR A 65 -8.70 -8.03 -2.61
N PRO A 66 -9.58 -7.17 -3.15
CA PRO A 66 -9.12 -5.89 -3.74
C PRO A 66 -9.00 -4.77 -2.71
N VAL A 67 -8.71 -5.14 -1.46
CA VAL A 67 -8.59 -4.21 -0.35
C VAL A 67 -7.43 -4.68 0.54
N GLU A 68 -6.63 -3.73 1.02
CA GLU A 68 -5.66 -4.00 2.10
C GLU A 68 -5.58 -2.78 3.00
N TYR A 69 -5.42 -3.02 4.30
CA TYR A 69 -5.36 -1.90 5.26
C TYR A 69 -3.93 -1.66 5.70
N SER A 70 -3.64 -0.42 6.14
CA SER A 70 -2.36 -0.21 6.79
C SER A 70 -2.47 0.85 7.87
N LEU A 71 -1.60 0.72 8.86
CA LEU A 71 -1.54 1.60 10.01
C LEU A 71 -0.14 2.20 10.06
N ALA A 72 -0.05 3.51 10.08
CA ALA A 72 1.21 4.22 10.13
C ALA A 72 1.44 4.71 11.55
N PHE A 73 2.48 4.20 12.19
CA PHE A 73 2.79 4.51 13.58
C PHE A 73 3.91 5.54 13.65
N LEU A 74 3.65 6.67 14.34
CA LEU A 74 4.69 7.62 14.70
C LEU A 74 4.97 7.55 16.19
N PRO A 75 6.16 7.91 16.62
CA PRO A 75 6.46 7.85 18.06
C PRO A 75 5.44 8.63 18.87
N GLY A 76 4.79 7.95 19.81
CA GLY A 76 3.91 8.60 20.78
C GLY A 76 2.50 8.87 20.33
N ALA A 77 2.13 8.54 19.08
CA ALA A 77 0.85 8.93 18.52
C ALA A 77 -0.01 7.70 18.25
N THR A 78 -1.32 7.90 18.22
CA THR A 78 -2.20 6.86 17.72
C THR A 78 -1.94 6.67 16.22
N PRO A 79 -2.06 5.45 15.72
CA PRO A 79 -1.73 5.22 14.31
C PRO A 79 -2.73 5.87 13.37
N ALA A 80 -2.20 6.28 12.21
CA ALA A 80 -3.00 6.78 11.11
C ALA A 80 -3.42 5.60 10.25
N LEU A 81 -4.67 5.63 9.79
CA LEU A 81 -5.23 4.51 9.04
C LEU A 81 -5.26 4.84 7.56
N ARG A 82 -4.85 3.89 6.73
CA ARG A 82 -4.95 4.04 5.28
C ARG A 82 -5.56 2.77 4.70
N VAL A 83 -6.16 2.89 3.51
CA VAL A 83 -6.68 1.72 2.82
C VAL A 83 -6.28 1.78 1.35
N LEU A 84 -5.82 0.63 0.84
CA LEU A 84 -5.45 0.42 -0.55
C LEU A 84 -6.58 -0.36 -1.24
N VAL A 85 -7.03 0.12 -2.42
CA VAL A 85 -8.12 -0.49 -3.16
C VAL A 85 -7.79 -0.57 -4.66
N GLU A 86 -8.40 -1.55 -5.33
CA GLU A 86 -8.33 -1.67 -6.78
C GLU A 86 -9.71 -1.35 -7.34
N PRO A 87 -9.98 -0.12 -7.78
CA PRO A 87 -11.35 0.21 -8.20
C PRO A 87 -11.86 -0.57 -9.39
N GLY A 88 -10.98 -1.08 -10.26
CA GLY A 88 -11.41 -1.77 -11.46
C GLY A 88 -11.39 -3.28 -11.39
N TRP A 89 -11.33 -3.81 -10.16
CA TRP A 89 -11.21 -5.25 -9.95
C TRP A 89 -12.39 -6.04 -10.50
N ASP A 90 -13.59 -5.46 -10.49
CA ASP A 90 -14.77 -6.20 -10.97
C ASP A 90 -14.99 -6.02 -12.46
N SER A 91 -13.88 -6.02 -13.21
CA SER A 91 -13.82 -5.84 -14.65
C SER A 91 -13.36 -7.13 -15.32
N GLY A 92 -13.66 -7.23 -16.61
CA GLY A 92 -13.39 -8.45 -17.35
C GLY A 92 -11.95 -8.62 -17.75
N ASP A 93 -11.24 -7.53 -18.05
CA ASP A 93 -9.83 -7.66 -18.37
C ASP A 93 -9.08 -6.41 -17.93
N LEU A 94 -7.76 -6.47 -18.14
CA LEU A 94 -6.85 -5.48 -17.59
C LEU A 94 -7.09 -4.09 -18.15
N ALA A 95 -7.39 -4.00 -19.46
CA ALA A 95 -7.74 -2.72 -20.04
C ALA A 95 -8.99 -2.11 -19.38
N GLU A 96 -10.04 -2.93 -19.15
CA GLU A 96 -11.23 -2.34 -18.55
C GLU A 96 -11.00 -2.03 -17.09
N ASN A 97 -10.15 -2.84 -16.43
CA ASN A 97 -9.74 -2.58 -15.06
C ASN A 97 -9.10 -1.18 -14.93
N GLY A 98 -8.14 -0.90 -15.80
CA GLY A 98 -7.54 0.43 -15.81
C GLY A 98 -8.53 1.54 -16.09
N ARG A 99 -9.42 1.35 -17.07
CA ARG A 99 -10.40 2.40 -17.37
C ARG A 99 -11.23 2.71 -16.14
N ALA A 100 -11.72 1.67 -15.45
CA ALA A 100 -12.54 1.87 -14.26
C ALA A 100 -11.72 2.49 -13.13
N GLY A 101 -10.44 2.13 -13.04
CA GLY A 101 -9.58 2.76 -12.04
C GLY A 101 -9.43 4.25 -12.27
N LEU A 102 -9.16 4.66 -13.53
CA LEU A 102 -9.01 6.10 -13.81
C LEU A 102 -10.31 6.83 -13.56
N ARG A 103 -11.43 6.23 -13.97
CA ARG A 103 -12.74 6.80 -13.68
C ARG A 103 -12.94 7.05 -12.19
N ALA A 104 -12.51 6.10 -11.34
CA ALA A 104 -12.67 6.29 -9.91
C ALA A 104 -11.83 7.44 -9.41
N ILE A 105 -10.60 7.55 -9.91
CA ILE A 105 -9.72 8.66 -9.53
C ILE A 105 -10.31 9.98 -9.98
N ARG A 106 -10.85 10.02 -11.20
CA ARG A 106 -11.48 11.26 -11.65
C ARG A 106 -12.65 11.66 -10.76
N ALA A 107 -13.43 10.68 -10.29
CA ALA A 107 -14.53 10.99 -9.40
C ALA A 107 -14.03 11.56 -8.08
N MET A 108 -12.93 11.01 -7.56
CA MET A 108 -12.37 11.54 -6.33
C MET A 108 -11.83 12.94 -6.52
N ALA A 109 -11.23 13.20 -7.70
CA ALA A 109 -10.68 14.52 -8.00
C ALA A 109 -11.77 15.57 -8.04
N ASP A 110 -12.92 15.21 -8.61
CA ASP A 110 -14.06 16.12 -8.64
C ASP A 110 -14.59 16.38 -7.23
N ARG A 111 -14.77 15.31 -6.44
CA ARG A 111 -15.39 15.45 -5.12
C ARG A 111 -14.53 16.29 -4.18
N TRP A 112 -13.21 16.07 -4.19
CA TRP A 112 -12.32 16.76 -3.28
C TRP A 112 -11.47 17.83 -3.97
N ASN A 113 -11.81 18.18 -5.20
CA ASN A 113 -11.31 19.38 -5.86
C ASN A 113 -9.79 19.39 -5.93
N PHE A 114 -9.23 18.35 -6.53
CA PHE A 114 -7.81 18.35 -6.86
C PHE A 114 -7.62 18.01 -8.32
N SER A 115 -6.43 18.34 -8.83
CA SER A 115 -6.12 18.21 -10.25
C SER A 115 -5.56 16.83 -10.55
N THR A 116 -5.84 16.35 -11.75
CA THR A 116 -5.24 15.10 -12.22
C THR A 116 -4.24 15.34 -13.36
N ASP A 117 -3.74 16.57 -13.49
CA ASP A 117 -2.82 16.90 -14.58
C ASP A 117 -1.59 16.02 -14.57
N GLN A 118 -0.96 15.85 -13.40
CA GLN A 118 0.27 15.07 -13.33
C GLN A 118 0.01 13.61 -13.72
N LEU A 119 -1.08 13.03 -13.24
CA LEU A 119 -1.46 11.69 -13.68
C LEU A 119 -1.82 11.68 -15.15
N ASP A 120 -2.53 12.72 -15.61
CA ASP A 120 -2.90 12.80 -17.02
C ASP A 120 -1.70 12.81 -17.94
N LEU A 121 -0.59 13.39 -17.49
CA LEU A 121 0.63 13.47 -18.30
C LEU A 121 1.19 12.09 -18.65
N LEU A 122 0.85 11.06 -17.89
CA LEU A 122 1.46 9.73 -18.00
C LEU A 122 0.56 8.69 -18.64
N GLU A 123 -0.66 9.07 -19.08
CA GLU A 123 -1.68 8.08 -19.40
C GLU A 123 -1.22 7.08 -20.45
N ASP A 124 -0.51 7.55 -21.50
CA ASP A 124 -0.13 6.65 -22.59
C ASP A 124 0.95 5.68 -22.16
N LEU A 125 1.72 6.03 -21.13
CA LEU A 125 2.74 5.11 -20.64
C LEU A 125 2.15 3.96 -19.83
N PHE A 126 1.07 4.22 -19.11
CA PHE A 126 0.60 3.26 -18.13
C PHE A 126 -0.73 2.61 -18.48
N PHE A 127 -1.38 3.08 -19.54
CA PHE A 127 -2.69 2.55 -19.96
C PHE A 127 -2.70 2.39 -21.48
N PRO A 128 -1.82 1.55 -22.00
CA PRO A 128 -1.84 1.22 -23.44
C PRO A 128 -3.02 0.33 -23.79
N VAL A 129 -3.17 0.10 -25.10
CA VAL A 129 -4.37 -0.55 -25.62
C VAL A 129 -4.46 -2.00 -25.17
N ALA A 130 -3.36 -2.74 -25.22
CA ALA A 130 -3.31 -4.15 -24.83
C ALA A 130 -2.30 -4.29 -23.68
N PRO A 131 -2.70 -3.88 -22.47
CA PRO A 131 -1.71 -3.79 -21.38
C PRO A 131 -1.25 -5.15 -20.91
N ALA A 132 -0.02 -5.16 -20.44
CA ALA A 132 0.58 -6.27 -19.72
C ALA A 132 0.33 -6.12 -18.23
N GLY A 133 0.39 -7.25 -17.53
CA GLY A 133 0.17 -7.29 -16.10
C GLY A 133 1.35 -6.75 -15.32
N PRO A 134 1.29 -6.90 -13.99
CA PRO A 134 0.29 -7.64 -13.24
C PRO A 134 -0.92 -6.88 -12.72
N PHE A 135 -0.97 -5.56 -12.90
CA PHE A 135 -2.11 -4.75 -12.47
C PHE A 135 -2.13 -3.50 -13.33
N ALA A 136 -3.18 -2.70 -13.16
CA ALA A 136 -3.37 -1.47 -13.92
C ALA A 136 -3.44 -0.22 -13.05
N LEU A 137 -4.29 -0.22 -12.02
CA LEU A 137 -4.33 0.97 -11.16
C LEU A 137 -4.81 0.59 -9.77
N TRP A 138 -4.08 1.03 -8.77
CA TRP A 138 -4.54 0.97 -7.38
C TRP A 138 -4.58 2.38 -6.81
N CYS A 139 -5.44 2.54 -5.79
CA CYS A 139 -5.59 3.82 -5.11
C CYS A 139 -5.44 3.60 -3.61
N ALA A 140 -4.64 4.43 -2.95
CA ALA A 140 -4.60 4.39 -1.51
C ALA A 140 -5.19 5.69 -0.95
N LEU A 141 -6.00 5.56 0.10
CA LEU A 141 -6.66 6.69 0.75
C LEU A 141 -6.12 6.76 2.16
N GLU A 142 -5.58 7.93 2.52
CA GLU A 142 -5.19 8.19 3.91
C GLU A 142 -6.38 8.80 4.62
N LEU A 143 -6.89 8.08 5.64
CA LEU A 143 -8.17 8.44 6.24
C LEU A 143 -7.95 9.48 7.34
N ARG A 144 -7.89 10.69 6.93
CA ARG A 144 -7.51 11.82 7.77
C ARG A 144 -8.71 12.31 8.54
N PRO A 145 -8.52 12.78 9.77
CA PRO A 145 -9.61 13.47 10.46
C PRO A 145 -10.17 14.58 9.59
N GLY A 146 -11.49 14.71 9.58
CA GLY A 146 -12.17 15.72 8.79
C GLY A 146 -12.90 15.17 7.58
N GLY A 147 -12.62 13.95 7.15
CA GLY A 147 -13.35 13.33 6.08
C GLY A 147 -12.81 13.58 4.68
N VAL A 148 -11.84 14.46 4.50
CA VAL A 148 -11.16 14.61 3.20
C VAL A 148 -9.89 13.79 3.25
N PRO A 149 -9.78 12.71 2.47
CA PRO A 149 -8.59 11.86 2.56
C PRO A 149 -7.43 12.38 1.72
N GLY A 150 -6.23 11.90 2.07
CA GLY A 150 -5.11 12.02 1.15
C GLY A 150 -5.20 10.89 0.12
N VAL A 151 -4.91 11.22 -1.13
CA VAL A 151 -5.10 10.28 -2.23
C VAL A 151 -3.77 9.97 -2.88
N LYS A 152 -3.49 8.67 -3.09
CA LYS A 152 -2.31 8.24 -3.82
C LYS A 152 -2.73 7.25 -4.91
N VAL A 153 -2.04 7.29 -6.05
CA VAL A 153 -2.34 6.40 -7.16
C VAL A 153 -1.09 5.59 -7.47
N TYR A 154 -1.29 4.30 -7.71
CA TYR A 154 -0.19 3.38 -8.04
C TYR A 154 -0.35 2.88 -9.46
N LEU A 155 0.76 2.91 -10.22
CA LEU A 155 0.77 2.60 -11.64
C LEU A 155 1.83 1.54 -11.92
N ASN A 156 1.66 0.83 -13.04
CA ASN A 156 2.48 -0.34 -13.37
C ASN A 156 3.55 -0.05 -14.42
N PRO A 157 4.85 0.01 -14.06
CA PRO A 157 5.89 0.26 -15.08
C PRO A 157 5.95 -0.82 -16.16
N ALA A 158 5.38 -2.02 -15.93
CA ALA A 158 5.41 -3.07 -16.93
C ALA A 158 4.20 -3.05 -17.85
N ALA A 159 3.40 -1.99 -17.82
CA ALA A 159 2.16 -1.96 -18.59
C ALA A 159 2.40 -2.16 -20.09
N ARG A 160 3.53 -1.70 -20.62
CA ARG A 160 3.82 -1.83 -22.04
C ARG A 160 4.73 -3.02 -22.32
N GLY A 161 4.81 -3.95 -21.39
CA GLY A 161 5.60 -5.16 -21.51
C GLY A 161 6.80 -5.13 -20.57
N ARG A 162 7.21 -6.32 -20.14
CA ARG A 162 8.31 -6.40 -19.17
C ARG A 162 9.58 -5.78 -19.71
N ASP A 163 9.84 -5.94 -21.00
CA ASP A 163 11.07 -5.37 -21.56
C ASP A 163 11.11 -3.85 -21.52
N ARG A 164 9.98 -3.18 -21.32
CA ARG A 164 9.95 -1.72 -21.31
C ARG A 164 9.75 -1.14 -19.91
N ARG A 165 9.99 -1.94 -18.86
CA ARG A 165 9.80 -1.44 -17.50
C ARG A 165 10.65 -0.21 -17.21
N ALA A 166 11.97 -0.29 -17.50
CA ALA A 166 12.85 0.84 -17.22
C ALA A 166 12.60 1.98 -18.19
N GLU A 167 12.27 1.67 -19.45
CA GLU A 167 11.94 2.72 -20.40
C GLU A 167 10.72 3.51 -19.94
N THR A 168 9.69 2.81 -19.49
CA THR A 168 8.48 3.47 -19.03
C THR A 168 8.73 4.30 -17.77
N LEU A 169 9.45 3.72 -16.81
CA LEU A 169 9.75 4.44 -15.58
C LEU A 169 10.52 5.71 -15.88
N ARG A 170 11.56 5.59 -16.72
CA ARG A 170 12.42 6.72 -17.01
C ARG A 170 11.69 7.80 -17.78
N GLU A 171 10.83 7.41 -18.74
CA GLU A 171 10.03 8.41 -19.44
C GLU A 171 9.05 9.11 -18.50
N ALA A 172 8.42 8.36 -17.58
CA ALA A 172 7.52 9.00 -16.63
C ALA A 172 8.25 10.03 -15.75
N LEU A 173 9.43 9.66 -15.23
CA LEU A 173 10.15 10.60 -14.38
C LEU A 173 10.53 11.85 -15.17
N ASP A 174 10.98 11.69 -16.43
CA ASP A 174 11.31 12.84 -17.26
C ASP A 174 10.10 13.74 -17.47
N ARG A 175 8.92 13.17 -17.79
CA ARG A 175 7.73 13.99 -18.01
C ARG A 175 7.36 14.78 -16.77
N LEU A 176 7.60 14.22 -15.57
CA LEU A 176 7.27 14.87 -14.32
C LEU A 176 8.33 15.87 -13.89
N GLY A 177 9.42 15.99 -14.64
CA GLY A 177 10.47 16.91 -14.31
C GLY A 177 11.55 16.35 -13.44
N HIS A 178 11.47 15.07 -13.09
CA HIS A 178 12.45 14.41 -12.22
C HIS A 178 13.51 13.73 -13.08
N ARG A 179 14.29 14.54 -13.80
CA ARG A 179 15.20 14.02 -14.81
C ARG A 179 16.47 13.41 -14.21
N GLN A 180 16.76 13.62 -12.95
CA GLN A 180 17.92 13.00 -12.32
C GLN A 180 17.52 11.93 -11.31
N ALA A 181 16.20 11.68 -11.13
CA ALA A 181 15.79 10.80 -10.04
C ALA A 181 16.18 9.36 -10.30
N PHE A 182 16.07 8.91 -11.55
CA PHE A 182 16.38 7.50 -11.84
C PHE A 182 17.80 7.15 -11.40
N ALA A 183 18.76 8.06 -11.61
CA ALA A 183 20.15 7.84 -11.21
C ALA A 183 20.34 7.65 -9.72
N ALA A 184 19.35 8.02 -8.90
CA ALA A 184 19.48 7.89 -7.47
C ALA A 184 19.01 6.53 -6.97
N LEU A 185 18.41 5.69 -7.85
CA LEU A 185 17.82 4.43 -7.44
C LEU A 185 18.90 3.37 -7.29
N PRO A 186 18.73 2.45 -6.35
CA PRO A 186 19.67 1.34 -6.20
C PRO A 186 19.50 0.31 -7.31
N PRO A 187 20.46 -0.59 -7.47
CA PRO A 187 20.24 -1.73 -8.34
C PRO A 187 19.01 -2.50 -7.85
N ALA A 188 18.29 -3.10 -8.79
CA ALA A 188 17.01 -3.71 -8.45
C ALA A 188 16.76 -4.91 -9.35
N ASP A 189 15.88 -5.78 -8.88
CA ASP A 189 15.39 -6.90 -9.67
C ASP A 189 14.06 -6.60 -10.36
N ASP A 190 13.30 -5.61 -9.88
CA ASP A 190 12.07 -5.20 -10.55
C ASP A 190 11.77 -3.77 -10.13
N TYR A 191 10.95 -3.10 -10.96
CA TYR A 191 10.36 -1.77 -10.67
C TYR A 191 8.86 -2.01 -10.63
N PRO A 192 8.34 -2.54 -9.53
CA PRO A 192 6.96 -3.04 -9.55
C PRO A 192 5.90 -1.95 -9.55
N PHE A 193 6.17 -0.75 -9.00
CA PHE A 193 5.14 0.27 -8.85
C PHE A 193 5.76 1.64 -9.01
N LEU A 194 4.98 2.57 -9.56
CA LEU A 194 5.25 4.00 -9.45
C LEU A 194 4.03 4.63 -8.80
N ALA A 195 4.25 5.41 -7.74
CA ALA A 195 3.10 6.02 -7.06
C ALA A 195 3.18 7.53 -7.14
N LEU A 196 2.01 8.16 -7.17
CA LEU A 196 1.91 9.61 -7.19
C LEU A 196 1.01 10.06 -6.06
N ASP A 197 1.42 11.13 -5.38
CA ASP A 197 0.55 11.78 -4.41
C ASP A 197 -0.37 12.74 -5.17
N LEU A 198 -1.67 12.63 -4.96
CA LEU A 198 -2.59 13.52 -5.66
C LEU A 198 -3.21 14.49 -4.68
N GLY A 199 -3.33 15.74 -5.11
CA GLY A 199 -4.01 16.74 -4.29
C GLY A 199 -3.14 17.27 -3.16
N GLU A 200 -3.78 17.52 -2.02
CA GLU A 200 -3.19 18.28 -0.93
C GLU A 200 -2.17 17.45 -0.16
N TRP A 201 -0.92 17.91 -0.18
CA TRP A 201 0.20 17.32 0.56
C TRP A 201 1.21 18.44 0.80
N ALA A 202 1.88 18.40 1.96
CA ALA A 202 2.91 19.41 2.22
C ALA A 202 4.08 19.28 1.25
N ALA A 203 4.38 18.07 0.82
CA ALA A 203 5.39 17.82 -0.22
C ALA A 203 4.96 16.58 -0.95
N PRO A 204 4.16 16.71 -1.99
CA PRO A 204 3.68 15.53 -2.70
C PRO A 204 4.85 14.90 -3.44
N ARG A 205 4.90 13.57 -3.43
CA ARG A 205 6.05 12.94 -4.04
C ARG A 205 5.65 12.13 -5.27
N VAL A 206 6.65 11.80 -6.06
CA VAL A 206 6.61 10.60 -6.86
C VAL A 206 7.41 9.56 -6.10
N LYS A 207 6.92 8.32 -6.03
CA LYS A 207 7.58 7.27 -5.26
C LYS A 207 7.91 6.13 -6.22
N VAL A 208 9.17 5.72 -6.25
CA VAL A 208 9.65 4.66 -7.13
C VAL A 208 9.96 3.43 -6.27
N TYR A 209 9.35 2.30 -6.60
CA TYR A 209 9.58 1.07 -5.86
C TYR A 209 10.54 0.12 -6.57
N CYS A 210 11.39 -0.54 -5.79
CA CYS A 210 12.40 -1.49 -6.28
C CYS A 210 12.23 -2.79 -5.52
N THR A 211 12.16 -3.89 -6.25
CA THR A 211 12.19 -5.22 -5.66
C THR A 211 13.62 -5.73 -5.58
N HIS A 212 13.99 -6.28 -4.42
CA HIS A 212 15.28 -6.92 -4.22
C HIS A 212 15.02 -8.36 -3.82
N GLU A 213 15.34 -9.29 -4.71
CA GLU A 213 15.07 -10.71 -4.44
C GLU A 213 15.96 -11.27 -3.34
N SER A 214 17.16 -10.71 -3.17
CA SER A 214 18.14 -11.22 -2.19
C SER A 214 18.88 -10.08 -1.50
N LEU A 215 18.14 -9.28 -0.74
CA LEU A 215 18.72 -8.12 -0.09
C LEU A 215 19.36 -8.53 1.23
N SER A 216 20.55 -8.01 1.50
CA SER A 216 21.20 -8.20 2.77
C SER A 216 20.95 -7.00 3.69
N ALA A 217 21.14 -7.23 4.99
CA ALA A 217 20.98 -6.13 5.94
C ALA A 217 21.94 -4.99 5.62
N GLN A 218 23.18 -5.32 5.24
CA GLN A 218 24.16 -4.29 4.93
C GLN A 218 23.71 -3.47 3.73
N GLU A 219 23.21 -4.14 2.68
CA GLU A 219 22.74 -3.39 1.52
C GLU A 219 21.56 -2.51 1.89
N ALA A 220 20.64 -3.01 2.71
CA ALA A 220 19.50 -2.20 3.13
C ALA A 220 19.97 -0.92 3.78
N GLY A 221 20.91 -1.01 4.71
CA GLY A 221 21.43 0.20 5.34
C GLY A 221 22.14 1.11 4.36
N GLU A 222 22.87 0.53 3.41
CA GLU A 222 23.54 1.33 2.39
C GLU A 222 22.53 2.10 1.54
N TYR A 223 21.48 1.43 1.08
CA TYR A 223 20.48 2.10 0.26
C TYR A 223 19.72 3.17 1.03
N SER A 224 19.68 3.09 2.37
CA SER A 224 18.94 4.10 3.14
C SER A 224 19.66 5.45 3.14
N GLY A 231 20.13 6.89 8.01
CA GLY A 231 20.07 5.94 9.12
C GLY A 231 20.43 4.52 8.73
N ARG A 232 21.72 4.31 8.42
CA ARG A 232 22.21 2.97 8.13
C ARG A 232 21.91 2.01 9.27
N ASP A 233 22.26 2.41 10.51
CA ASP A 233 22.15 1.49 11.64
C ASP A 233 20.68 1.16 11.95
N GLN A 234 19.81 2.18 11.96
CA GLN A 234 18.38 1.93 12.16
C GLN A 234 17.84 0.93 11.15
N THR A 235 18.22 1.08 9.89
CA THR A 235 17.64 0.24 8.86
C THR A 235 18.18 -1.18 8.93
N THR A 236 19.48 -1.32 9.25
CA THR A 236 20.02 -2.66 9.42
C THR A 236 19.42 -3.35 10.63
N ASP A 237 19.21 -2.60 11.73
CA ASP A 237 18.56 -3.19 12.90
C ASP A 237 17.15 -3.67 12.58
N PHE A 238 16.39 -2.86 11.84
CA PHE A 238 15.03 -3.22 11.45
C PHE A 238 15.00 -4.45 10.54
N PHE A 239 15.92 -4.50 9.57
CA PHE A 239 16.05 -5.68 8.74
C PHE A 239 16.16 -6.93 9.61
N HIS A 240 17.11 -6.93 10.54
CA HIS A 240 17.33 -8.12 11.37
C HIS A 240 16.11 -8.42 12.23
N ALA A 241 15.48 -7.39 12.79
CA ALA A 241 14.33 -7.59 13.68
C ALA A 241 13.17 -8.25 12.96
N VAL A 242 12.84 -7.78 11.74
CA VAL A 242 11.68 -8.33 11.04
C VAL A 242 12.04 -9.63 10.34
N ALA A 243 13.28 -9.75 9.86
CA ALA A 243 13.65 -10.98 9.16
C ALA A 243 13.85 -12.13 10.12
N GLY A 244 14.05 -11.83 11.40
CA GLY A 244 14.40 -12.88 12.35
C GLY A 244 15.81 -13.40 12.16
N THR A 245 16.72 -12.56 11.68
CA THR A 245 18.10 -12.98 11.46
C THR A 245 19.02 -12.40 12.53
N PRO A 253 20.76 -17.75 6.46
CA PRO A 253 19.83 -16.61 6.50
C PRO A 253 20.54 -15.26 6.57
N SER A 254 21.09 -14.82 5.44
CA SER A 254 21.66 -13.49 5.37
C SER A 254 21.04 -12.62 4.29
N THR A 255 20.17 -13.16 3.43
CA THR A 255 19.46 -12.35 2.45
C THR A 255 17.99 -12.71 2.46
N ARG A 256 17.16 -11.73 2.09
CA ARG A 256 15.72 -11.87 2.12
C ARG A 256 15.16 -11.07 0.95
N ARG A 257 13.99 -11.49 0.49
CA ARG A 257 13.22 -10.65 -0.43
C ARG A 257 12.68 -9.42 0.32
N ALA A 258 12.80 -8.26 -0.31
CA ALA A 258 12.35 -7.02 0.28
C ALA A 258 12.10 -6.02 -0.83
N LEU A 259 11.39 -4.95 -0.49
CA LEU A 259 11.21 -3.84 -1.43
C LEU A 259 11.72 -2.57 -0.78
N THR A 260 12.33 -1.70 -1.58
CA THR A 260 12.62 -0.34 -1.17
C THR A 260 11.75 0.62 -1.97
N CYS A 261 11.38 1.73 -1.33
CA CYS A 261 10.68 2.81 -2.00
C CYS A 261 11.53 4.05 -1.85
N HIS A 262 11.56 4.87 -2.91
CA HIS A 262 12.41 6.06 -2.96
C HIS A 262 11.51 7.21 -3.39
N SER A 263 11.37 8.21 -2.51
CA SER A 263 10.42 9.31 -2.64
C SER A 263 11.13 10.56 -3.13
N PHE A 264 10.60 11.21 -4.16
CA PHE A 264 11.19 12.45 -4.67
C PHE A 264 10.16 13.57 -4.58
N THR A 265 10.49 14.64 -3.86
CA THR A 265 9.51 15.70 -3.62
C THR A 265 9.94 17.02 -4.20
N ASP A 266 11.07 17.07 -4.90
CA ASP A 266 11.51 18.28 -5.58
C ASP A 266 12.20 17.80 -6.85
N THR A 267 12.17 18.64 -7.88
CA THR A 267 12.80 18.27 -9.14
C THR A 267 14.22 18.85 -9.27
N VAL A 268 14.72 19.52 -8.23
CA VAL A 268 15.97 20.28 -8.34
C VAL A 268 17.19 19.41 -8.10
N THR A 269 17.25 18.66 -6.99
CA THR A 269 18.55 18.11 -6.58
C THR A 269 18.82 16.74 -7.20
N GLY A 270 17.77 16.00 -7.53
CA GLY A 270 17.94 14.62 -7.93
C GLY A 270 18.07 13.66 -6.77
N ARG A 271 18.01 14.16 -5.55
CA ARG A 271 18.11 13.34 -4.36
C ARG A 271 16.71 12.98 -3.87
N PRO A 272 16.48 11.76 -3.42
CA PRO A 272 15.22 11.47 -2.73
C PRO A 272 15.15 12.15 -1.37
N SER A 273 13.93 12.44 -0.96
CA SER A 273 13.62 12.97 0.35
C SER A 273 13.07 11.90 1.29
N GLY A 274 12.76 10.73 0.77
CA GLY A 274 12.26 9.65 1.61
C GLY A 274 12.76 8.31 1.13
N PHE A 275 12.96 7.40 2.09
CA PHE A 275 13.35 6.02 1.86
C PHE A 275 12.47 5.12 2.72
N THR A 276 11.93 4.03 2.16
CA THR A 276 11.20 3.05 2.96
C THR A 276 11.72 1.67 2.65
N LEU A 277 11.93 0.86 3.70
CA LEU A 277 12.27 -0.54 3.56
C LEU A 277 11.03 -1.35 3.91
N HIS A 278 10.49 -2.09 2.93
CA HIS A 278 9.29 -2.93 3.10
C HIS A 278 9.71 -4.38 3.25
N MET A 279 9.45 -4.97 4.41
CA MET A 279 9.83 -6.36 4.63
C MET A 279 8.60 -7.26 4.62
N PRO A 280 8.47 -8.24 3.71
CA PRO A 280 7.26 -9.10 3.67
C PRO A 280 7.37 -10.17 4.74
N VAL A 281 7.02 -9.78 5.97
CA VAL A 281 7.18 -10.66 7.13
C VAL A 281 6.35 -11.94 6.95
N ARG A 282 5.25 -11.85 6.19
CA ARG A 282 4.42 -13.04 5.97
C ARG A 282 5.18 -14.16 5.27
N SER A 283 6.24 -13.83 4.55
CA SER A 283 7.06 -14.81 3.86
C SER A 283 8.13 -15.44 4.76
N TYR A 284 8.37 -14.89 5.95
CA TYR A 284 9.51 -15.29 6.76
C TYR A 284 9.13 -16.16 7.96
N VAL A 285 7.84 -16.24 8.32
CA VAL A 285 7.44 -16.82 9.59
C VAL A 285 6.45 -17.95 9.37
N GLU A 286 6.24 -18.73 10.44
CA GLU A 286 5.32 -19.88 10.35
C GLU A 286 3.86 -19.44 10.39
N HIS A 287 3.54 -18.41 11.16
CA HIS A 287 2.15 -17.99 11.32
C HIS A 287 2.11 -16.56 11.85
N ASP A 288 0.90 -16.00 11.88
CA ASP A 288 0.73 -14.59 12.21
C ASP A 288 1.02 -14.30 13.67
N GLY A 289 1.03 -15.32 14.54
CA GLY A 289 1.55 -15.11 15.87
C GLY A 289 2.98 -14.60 15.86
N ARG A 290 3.84 -15.23 15.05
CA ARG A 290 5.23 -14.78 14.96
C ARG A 290 5.32 -13.42 14.30
N ALA A 291 4.50 -13.18 13.28
CA ALA A 291 4.62 -11.89 12.61
C ALA A 291 4.17 -10.75 13.50
N ARG A 292 3.06 -10.95 14.23
CA ARG A 292 2.62 -9.96 15.20
C ARG A 292 3.70 -9.72 16.26
N ASP A 293 4.37 -10.78 16.72
CA ASP A 293 5.42 -10.62 17.73
C ASP A 293 6.54 -9.73 17.21
N ARG A 294 6.99 -9.96 15.97
CA ARG A 294 8.06 -9.13 15.45
C ARG A 294 7.61 -7.69 15.24
N ALA A 295 6.38 -7.48 14.74
CA ALA A 295 5.91 -6.13 14.55
C ALA A 295 5.74 -5.41 15.89
N ALA A 296 5.16 -6.10 16.87
CA ALA A 296 4.99 -5.50 18.18
C ALA A 296 6.32 -5.08 18.78
N ASP A 297 7.35 -5.92 18.65
CA ASP A 297 8.65 -5.60 19.21
C ASP A 297 9.28 -4.37 18.54
N VAL A 298 9.11 -4.24 17.21
CA VAL A 298 9.66 -3.06 16.55
C VAL A 298 8.94 -1.80 17.01
N LEU A 299 7.61 -1.85 17.05
CA LEU A 299 6.85 -0.70 17.50
C LEU A 299 7.25 -0.30 18.91
N ARG A 300 7.31 -1.28 19.81
CA ARG A 300 7.63 -0.97 21.20
C ARG A 300 8.98 -0.29 21.30
N ARG A 301 9.99 -0.83 20.61
CA ARG A 301 11.35 -0.30 20.70
C ARG A 301 11.46 1.13 20.15
N TYR A 302 10.58 1.51 19.23
CA TYR A 302 10.54 2.88 18.69
C TYR A 302 9.63 3.81 19.48
N GLY A 303 9.08 3.37 20.61
CA GLY A 303 8.17 4.20 21.37
C GLY A 303 6.82 4.37 20.72
N MET A 304 6.39 3.41 19.91
CA MET A 304 5.14 3.51 19.19
C MET A 304 4.05 2.69 19.87
N ASP A 305 2.86 2.73 19.27
CA ASP A 305 1.61 2.33 19.92
C ASP A 305 1.34 0.84 19.68
N ASN A 306 2.14 -0.01 20.33
CA ASN A 306 2.04 -1.44 20.00
C ASN A 306 0.71 -2.04 20.46
N ASP A 307 0.07 -1.46 21.48
CA ASP A 307 -1.24 -1.95 21.87
C ASP A 307 -2.27 -1.74 20.76
N ALA A 308 -2.16 -0.63 20.04
CA ALA A 308 -3.10 -0.37 18.95
C ALA A 308 -2.94 -1.37 17.81
N LEU A 309 -1.73 -1.90 17.61
CA LEU A 309 -1.54 -2.96 16.61
C LEU A 309 -2.42 -4.17 16.94
N ASP A 310 -2.41 -4.61 18.22
CA ASP A 310 -3.24 -5.75 18.58
C ASP A 310 -4.72 -5.46 18.38
N ARG A 311 -5.15 -4.25 18.72
CA ARG A 311 -6.55 -3.88 18.51
C ARG A 311 -6.90 -3.88 17.03
N ALA A 312 -5.97 -3.47 16.18
CA ALA A 312 -6.26 -3.42 14.74
C ALA A 312 -6.40 -4.82 14.16
N LEU A 313 -5.55 -5.76 14.58
CA LEU A 313 -5.64 -7.12 14.08
C LEU A 313 -6.98 -7.73 14.45
N ALA A 314 -7.45 -7.48 15.68
CA ALA A 314 -8.74 -8.02 16.09
C ALA A 314 -9.89 -7.30 15.41
N ALA A 315 -9.70 -6.03 15.05
CA ALA A 315 -10.71 -5.33 14.27
C ALA A 315 -10.91 -5.96 12.91
N VAL A 316 -9.83 -6.51 12.33
CA VAL A 316 -9.94 -7.11 11.00
C VAL A 316 -10.53 -8.51 11.06
N THR A 317 -10.11 -9.33 12.03
CA THR A 317 -10.56 -10.71 12.05
C THR A 317 -10.52 -11.24 13.47
N PRO A 318 -11.47 -12.09 13.87
CA PRO A 318 -11.39 -12.69 15.21
C PRO A 318 -10.65 -14.02 15.26
N ARG A 319 -10.07 -14.45 14.14
CA ARG A 319 -9.39 -15.73 14.12
C ARG A 319 -8.16 -15.71 15.03
N PRO A 320 -7.78 -16.87 15.55
CA PRO A 320 -6.50 -16.96 16.27
C PRO A 320 -5.34 -16.70 15.32
N LEU A 321 -4.34 -15.98 15.82
CA LEU A 321 -3.24 -15.58 14.94
C LEU A 321 -2.41 -16.77 14.48
N ASP A 322 -2.29 -17.81 15.30
CA ASP A 322 -1.47 -18.96 14.91
C ASP A 322 -2.18 -19.89 13.94
N ASP A 323 -3.42 -19.61 13.57
CA ASP A 323 -4.16 -20.46 12.65
C ASP A 323 -3.90 -20.13 11.18
N GLY A 324 -3.03 -19.18 10.89
CA GLY A 324 -2.75 -18.88 9.50
C GLY A 324 -1.58 -17.92 9.44
N VAL A 325 -1.22 -17.56 8.22
CA VAL A 325 -0.12 -16.64 7.97
C VAL A 325 -0.59 -15.67 6.89
N GLY A 326 -0.01 -14.47 6.90
CA GLY A 326 -0.37 -13.49 5.90
C GLY A 326 -1.33 -12.40 6.35
N LEU A 327 -1.86 -12.45 7.59
CA LEU A 327 -2.65 -11.33 8.09
C LEU A 327 -1.79 -10.09 8.24
N VAL A 328 -0.63 -10.24 8.87
CA VAL A 328 0.39 -9.19 8.85
C VAL A 328 1.18 -9.40 7.55
N ALA A 329 0.90 -8.57 6.55
CA ALA A 329 1.46 -8.79 5.21
C ALA A 329 2.89 -8.28 5.11
N TYR A 330 3.13 -7.06 5.62
CA TYR A 330 4.40 -6.33 5.52
C TYR A 330 4.60 -5.50 6.77
N VAL A 331 5.85 -5.30 7.14
CA VAL A 331 6.21 -4.27 8.10
C VAL A 331 7.24 -3.40 7.40
N ALA A 332 7.09 -2.07 7.51
CA ALA A 332 7.92 -1.14 6.75
C ALA A 332 8.49 -0.06 7.67
N LEU A 333 9.75 0.33 7.41
CA LEU A 333 10.42 1.42 8.13
C LEU A 333 10.56 2.59 7.17
N VAL A 334 10.01 3.74 7.56
CA VAL A 334 9.88 4.91 6.69
C VAL A 334 10.76 6.02 7.23
N HIS A 335 11.72 6.46 6.43
CA HIS A 335 12.53 7.64 6.73
C HIS A 335 12.11 8.77 5.78
N GLN A 336 11.81 9.94 6.34
CA GLN A 336 11.55 11.13 5.54
C GLN A 336 12.32 12.29 6.14
N LEU A 337 13.14 12.95 5.32
CA LEU A 337 13.95 14.06 5.82
C LEU A 337 13.09 15.05 6.58
N GLY A 338 13.49 15.35 7.80
CA GLY A 338 12.78 16.33 8.61
C GLY A 338 11.60 15.80 9.39
N ARG A 339 11.37 14.49 9.41
CA ARG A 339 10.33 13.89 10.22
C ARG A 339 10.94 12.75 11.03
N ASP A 340 10.28 12.41 12.14
CA ASP A 340 10.69 11.24 12.89
C ASP A 340 10.45 9.99 12.05
N PRO A 341 11.20 8.93 12.30
CA PRO A 341 10.88 7.66 11.62
C PRO A 341 9.46 7.23 11.91
N ARG A 342 8.90 6.48 10.97
CA ARG A 342 7.57 5.91 11.09
C ARG A 342 7.66 4.43 10.76
N VAL A 343 6.83 3.63 11.41
CA VAL A 343 6.70 2.22 11.08
C VAL A 343 5.28 1.98 10.58
N THR A 344 5.16 1.30 9.44
CA THR A 344 3.85 1.03 8.88
C THR A 344 3.63 -0.47 8.94
N VAL A 345 2.45 -0.92 9.39
CA VAL A 345 2.11 -2.35 9.35
C VAL A 345 0.96 -2.52 8.38
N TYR A 346 1.14 -3.43 7.40
CA TYR A 346 0.12 -3.71 6.40
C TYR A 346 -0.66 -4.94 6.83
N VAL A 347 -2.00 -4.84 6.79
CA VAL A 347 -2.88 -5.84 7.40
C VAL A 347 -3.89 -6.31 6.35
N SER A 348 -3.94 -7.62 6.11
CA SER A 348 -4.76 -8.19 5.04
C SER A 348 -6.23 -8.28 5.42
N SER A 349 -7.10 -8.25 4.40
CA SER A 349 -8.54 -8.40 4.63
C SER A 349 -8.96 -9.86 4.85
N GLU A 350 -8.35 -10.80 4.11
CA GLU A 350 -8.67 -12.23 4.17
C GLU A 350 -10.15 -12.49 3.85
N ALA A 351 -10.70 -11.74 2.88
CA ALA A 351 -12.10 -11.93 2.53
C ALA A 351 -12.36 -13.25 1.81
N TYR A 352 -11.34 -13.85 1.20
CA TYR A 352 -11.47 -15.06 0.42
C TYR A 352 -10.77 -16.26 1.01
N ALA A 353 -9.61 -16.07 1.67
CA ALA A 353 -8.85 -17.20 2.19
C ALA A 353 -7.95 -16.76 3.33
N VAL A 354 -7.72 -17.69 4.25
CA VAL A 354 -6.64 -17.58 5.22
C VAL A 354 -5.55 -18.54 4.76
N GLN A 355 -4.34 -18.03 4.57
CA GLN A 355 -3.24 -18.90 4.16
C GLN A 355 -2.84 -19.79 5.33
N PRO A 356 -2.71 -21.10 5.16
CA PRO A 356 -2.44 -21.96 6.30
C PRO A 356 -1.03 -21.78 6.79
N PRO A 357 -0.78 -22.00 8.08
CA PRO A 357 0.58 -21.85 8.62
C PRO A 357 1.56 -22.78 7.92
N ARG A 358 2.82 -22.35 7.87
CA ARG A 358 3.89 -23.18 7.33
C ARG A 358 4.14 -24.40 8.22
#